data_1I8E
#
_entry.id   1I8E
#
_cell.length_a   1.000
_cell.length_b   1.000
_cell.length_c   1.000
_cell.angle_alpha   90.00
_cell.angle_beta   90.00
_cell.angle_gamma   90.00
#
_symmetry.space_group_name_H-M   'P 1'
#
_entity_poly.entity_id   1
_entity_poly.type   'polypeptide(L)'
_entity_poly.pdbx_seq_one_letter_code
;(ACE)CYCSLRGDCYC(NH2)
;
_entity_poly.pdbx_strand_id   A
#
# COMPACT_ATOMS: atom_id res chain seq x y z
N CYS A 2 -7.27 1.03 1.85
CA CYS A 2 -6.39 -0.08 2.35
C CYS A 2 -5.79 -0.85 1.17
N TYR A 3 -4.55 -0.56 0.84
CA TYR A 3 -3.91 -1.28 -0.31
C TYR A 3 -2.42 -1.50 -0.06
N CYS A 4 -1.91 -2.63 -0.49
CA CYS A 4 -0.45 -2.93 -0.30
C CYS A 4 0.23 -3.08 -1.66
N SER A 5 0.52 -1.97 -2.30
CA SER A 5 1.19 -2.03 -3.64
C SER A 5 2.69 -2.29 -3.48
N LEU A 6 3.44 -2.21 -4.55
CA LEU A 6 4.91 -2.47 -4.47
C LEU A 6 5.70 -1.16 -4.60
N ARG A 7 5.06 -0.03 -4.39
CA ARG A 7 5.79 1.27 -4.50
C ARG A 7 5.81 1.95 -3.13
N GLY A 8 4.66 2.33 -2.64
CA GLY A 8 4.60 3.00 -1.31
C GLY A 8 3.21 2.84 -0.68
N ASP A 9 2.42 1.88 -1.11
CA ASP A 9 1.07 1.70 -0.49
C ASP A 9 1.04 0.42 0.35
N CYS A 10 0.44 0.46 1.51
CA CYS A 10 0.36 -0.74 2.41
C CYS A 10 -0.24 -0.30 3.75
N TYR A 11 -1.30 0.44 3.69
CA TYR A 11 -1.96 0.94 4.93
C TYR A 11 -3.31 1.55 4.56
N CYS A 12 -3.97 2.19 5.50
CA CYS A 12 -5.29 2.80 5.19
C CYS A 12 -5.27 4.28 5.55
N CYS A 2 -5.66 1.34 -0.24
CA CYS A 2 -5.46 1.02 1.21
C CYS A 2 -4.89 -0.38 1.35
N TYR A 3 -3.87 -0.68 0.60
CA TYR A 3 -3.24 -2.04 0.67
C TYR A 3 -1.73 -1.91 0.41
N CYS A 4 -1.01 -3.01 0.48
CA CYS A 4 0.45 -2.94 0.23
C CYS A 4 0.74 -3.11 -1.26
N SER A 5 0.61 -2.04 -1.99
CA SER A 5 0.85 -2.10 -3.46
C SER A 5 2.35 -2.11 -3.77
N LEU A 6 2.72 -1.93 -5.01
CA LEU A 6 4.16 -1.94 -5.39
C LEU A 6 4.76 -0.53 -5.39
N ARG A 7 4.03 0.45 -4.90
CA ARG A 7 4.58 1.85 -4.87
C ARG A 7 5.17 2.12 -3.47
N GLY A 8 4.66 1.44 -2.49
CA GLY A 8 5.17 1.63 -1.10
C GLY A 8 3.99 1.87 -0.13
N ASP A 9 2.81 1.37 -0.43
CA ASP A 9 1.66 1.58 0.50
C ASP A 9 1.45 0.31 1.34
N CYS A 10 0.35 0.25 2.08
CA CYS A 10 0.05 -0.96 2.92
C CYS A 10 -1.22 -0.75 3.74
N TYR A 11 -1.48 0.46 4.13
CA TYR A 11 -2.70 0.73 4.94
C TYR A 11 -3.56 1.84 4.30
N CYS A 12 -4.70 2.11 4.88
CA CYS A 12 -5.59 3.17 4.32
C CYS A 12 -5.29 4.52 4.99
N CYS A 2 -7.73 -1.81 1.65
CA CYS A 2 -6.30 -1.63 2.03
C CYS A 2 -5.52 -0.99 0.88
N TYR A 3 -4.43 -0.32 1.17
CA TYR A 3 -3.64 0.32 0.09
C TYR A 3 -2.21 -0.24 0.08
N CYS A 4 -2.08 -1.53 0.11
CA CYS A 4 -0.72 -2.15 0.08
C CYS A 4 -0.31 -2.45 -1.36
N SER A 5 0.44 -1.57 -1.97
CA SER A 5 0.86 -1.77 -3.39
C SER A 5 2.33 -2.19 -3.45
N LEU A 6 2.93 -2.06 -4.61
CA LEU A 6 4.36 -2.46 -4.78
C LEU A 6 5.30 -1.25 -4.73
N ARG A 7 4.81 -0.08 -5.06
CA ARG A 7 5.69 1.13 -5.03
C ARG A 7 6.00 1.56 -3.58
N GLY A 8 5.25 1.06 -2.63
CA GLY A 8 5.52 1.42 -1.21
C GLY A 8 4.22 1.77 -0.46
N ASP A 9 3.06 1.62 -1.08
CA ASP A 9 1.79 1.95 -0.36
C ASP A 9 1.45 0.82 0.61
N CYS A 10 0.68 1.11 1.65
CA CYS A 10 0.28 0.07 2.65
C CYS A 10 -0.37 0.76 3.86
N TYR A 11 -1.13 1.80 3.61
CA TYR A 11 -1.82 2.51 4.72
C TYR A 11 -3.31 2.28 4.56
N CYS A 12 -3.75 1.10 4.89
CA CYS A 12 -5.19 0.74 4.73
C CYS A 12 -6.10 1.80 5.37
N CYS A 2 -8.09 0.63 1.46
CA CYS A 2 -6.75 0.10 1.88
C CYS A 2 -5.88 -0.10 0.64
N TYR A 3 -4.58 0.03 0.77
CA TYR A 3 -3.69 -0.15 -0.41
C TYR A 3 -2.36 -0.77 -0.02
N CYS A 4 -2.06 -1.93 -0.56
CA CYS A 4 -0.76 -2.60 -0.24
C CYS A 4 -0.06 -3.00 -1.54
N SER A 5 0.78 -2.13 -2.05
CA SER A 5 1.51 -2.43 -3.31
C SER A 5 3.01 -2.21 -3.12
N LEU A 6 3.82 -3.01 -3.77
CA LEU A 6 5.30 -2.85 -3.62
C LEU A 6 5.78 -1.66 -4.44
N ARG A 7 5.35 -0.50 -4.05
CA ARG A 7 5.74 0.74 -4.77
C ARG A 7 5.67 1.91 -3.78
N GLY A 8 4.66 1.97 -2.95
CA GLY A 8 4.55 3.08 -1.96
C GLY A 8 3.25 3.01 -1.14
N ASP A 9 2.65 1.85 -0.95
CA ASP A 9 1.39 1.80 -0.15
C ASP A 9 1.24 0.45 0.55
N CYS A 10 0.65 0.45 1.73
CA CYS A 10 0.45 -0.82 2.51
C CYS A 10 -0.05 -0.44 3.90
N TYR A 11 -1.08 0.36 3.94
CA TYR A 11 -1.66 0.78 5.24
C TYR A 11 -2.99 1.47 4.97
N CYS A 12 -4.03 1.03 5.62
CA CYS A 12 -5.36 1.65 5.38
C CYS A 12 -5.57 2.86 6.30
N CYS A 2 -6.11 1.37 0.52
CA CYS A 2 -6.00 0.47 1.69
C CYS A 2 -5.44 -0.89 1.27
N TYR A 3 -4.34 -0.89 0.57
CA TYR A 3 -3.73 -2.17 0.10
C TYR A 3 -2.21 -2.09 0.06
N CYS A 4 -1.56 -3.23 0.01
CA CYS A 4 -0.07 -3.24 -0.04
C CYS A 4 0.39 -3.20 -1.49
N SER A 5 0.45 -2.01 -2.05
CA SER A 5 0.89 -1.87 -3.47
C SER A 5 2.41 -2.01 -3.59
N LEU A 6 2.94 -1.77 -4.76
CA LEU A 6 4.41 -1.91 -4.96
C LEU A 6 5.11 -0.55 -4.90
N ARG A 7 4.38 0.53 -4.93
CA ARG A 7 5.02 1.88 -4.87
C ARG A 7 5.51 2.11 -3.44
N GLY A 8 4.61 2.10 -2.50
CA GLY A 8 4.99 2.29 -1.08
C GLY A 8 3.73 2.37 -0.21
N ASP A 9 2.69 1.64 -0.55
CA ASP A 9 1.44 1.68 0.26
C ASP A 9 1.22 0.32 0.95
N CYS A 10 0.54 0.33 2.07
CA CYS A 10 0.26 -0.95 2.82
C CYS A 10 -0.67 -0.67 3.99
N TYR A 11 -1.53 0.31 3.86
CA TYR A 11 -2.47 0.65 4.95
C TYR A 11 -3.49 1.68 4.44
N CYS A 12 -4.23 2.28 5.32
CA CYS A 12 -5.22 3.30 4.89
C CYS A 12 -4.74 4.70 5.28
N CYS A 2 -7.31 -1.52 2.51
CA CYS A 2 -6.23 -0.50 2.33
C CYS A 2 -5.50 -0.75 1.02
N TYR A 3 -4.36 -0.11 0.84
CA TYR A 3 -3.61 -0.28 -0.43
C TYR A 3 -2.20 -0.81 -0.16
N CYS A 4 -1.98 -2.09 -0.36
CA CYS A 4 -0.62 -2.66 -0.15
C CYS A 4 -0.03 -3.08 -1.49
N SER A 5 0.72 -2.22 -2.11
CA SER A 5 1.31 -2.55 -3.44
C SER A 5 2.82 -2.33 -3.47
N LEU A 6 3.40 -2.32 -4.65
CA LEU A 6 4.87 -2.15 -4.80
C LEU A 6 5.31 -0.68 -4.82
N ARG A 7 4.39 0.24 -4.93
CA ARG A 7 4.80 1.69 -4.96
C ARG A 7 5.28 2.12 -3.55
N GLY A 8 4.92 1.37 -2.54
CA GLY A 8 5.33 1.71 -1.16
C GLY A 8 4.10 1.96 -0.29
N ASP A 9 2.97 1.38 -0.64
CA ASP A 9 1.74 1.60 0.20
C ASP A 9 1.35 0.29 0.86
N CYS A 10 0.56 0.35 1.92
CA CYS A 10 0.09 -0.88 2.66
C CYS A 10 -0.61 -0.41 3.93
N TYR A 11 -1.44 0.58 3.79
CA TYR A 11 -2.17 1.12 4.96
C TYR A 11 -3.31 2.00 4.45
N CYS A 12 -4.43 1.98 5.09
CA CYS A 12 -5.57 2.81 4.61
C CYS A 12 -5.25 4.29 4.76
N CYS A 2 -6.03 1.28 0.15
CA CYS A 2 -5.94 0.55 1.44
C CYS A 2 -5.38 -0.85 1.21
N TYR A 3 -4.28 -0.95 0.49
CA TYR A 3 -3.68 -2.29 0.22
C TYR A 3 -2.16 -2.18 0.14
N CYS A 4 -1.48 -3.30 0.16
CA CYS A 4 0.00 -3.28 0.08
C CYS A 4 0.45 -3.28 -1.38
N SER A 5 0.43 -2.13 -2.00
CA SER A 5 0.84 -2.03 -3.43
C SER A 5 2.36 -2.07 -3.58
N LEU A 6 2.85 -1.72 -4.75
CA LEU A 6 4.33 -1.76 -4.97
C LEU A 6 4.96 -0.36 -4.87
N ARG A 7 4.18 0.69 -4.94
CA ARG A 7 4.77 2.06 -4.84
C ARG A 7 5.21 2.35 -3.40
N GLY A 8 4.84 1.51 -2.46
CA GLY A 8 5.24 1.73 -1.04
C GLY A 8 3.99 1.91 -0.17
N ASP A 9 2.85 1.44 -0.60
CA ASP A 9 1.62 1.60 0.23
C ASP A 9 1.33 0.30 0.98
N CYS A 10 0.61 0.36 2.07
CA CYS A 10 0.28 -0.89 2.85
C CYS A 10 -0.71 -0.56 3.96
N TYR A 11 -1.53 0.45 3.76
CA TYR A 11 -2.55 0.82 4.78
C TYR A 11 -3.50 1.85 4.18
N CYS A 12 -4.30 2.49 4.99
CA CYS A 12 -5.24 3.51 4.46
C CYS A 12 -4.72 4.91 4.79
N CYS A 2 -5.58 1.61 -0.13
CA CYS A 2 -5.64 1.03 1.25
C CYS A 2 -5.18 -0.43 1.22
N TYR A 3 -4.11 -0.68 0.53
CA TYR A 3 -3.57 -2.07 0.43
C TYR A 3 -2.04 -2.04 0.34
N CYS A 4 -1.43 -3.20 0.27
CA CYS A 4 0.06 -3.25 0.15
C CYS A 4 0.46 -3.28 -1.31
N SER A 5 0.47 -2.13 -1.93
CA SER A 5 0.83 -2.04 -3.38
C SER A 5 2.35 -2.14 -3.58
N LEU A 6 2.81 -1.87 -4.77
CA LEU A 6 4.27 -1.97 -5.06
C LEU A 6 4.94 -0.58 -5.12
N ARG A 7 4.22 0.47 -4.85
CA ARG A 7 4.84 1.83 -4.88
C ARG A 7 5.26 2.25 -3.47
N GLY A 8 4.88 1.49 -2.46
CA GLY A 8 5.26 1.85 -1.06
C GLY A 8 4.00 2.01 -0.20
N ASP A 9 2.86 1.51 -0.62
CA ASP A 9 1.63 1.65 0.21
C ASP A 9 1.37 0.34 0.97
N CYS A 10 0.63 0.40 2.05
CA CYS A 10 0.33 -0.83 2.84
C CYS A 10 -0.68 -0.51 3.96
N TYR A 11 -1.51 0.47 3.75
CA TYR A 11 -2.52 0.84 4.78
C TYR A 11 -3.52 1.83 4.19
N CYS A 12 -4.59 2.10 4.88
CA CYS A 12 -5.60 3.06 4.36
C CYS A 12 -5.47 4.40 5.09
N CYS A 2 -5.58 2.12 0.24
CA CYS A 2 -5.70 1.25 1.45
C CYS A 2 -5.34 -0.20 1.10
N TYR A 3 -4.21 -0.38 0.47
CA TYR A 3 -3.76 -1.75 0.09
C TYR A 3 -2.24 -1.86 0.16
N CYS A 4 -1.70 -3.00 -0.16
CA CYS A 4 -0.22 -3.16 -0.12
C CYS A 4 0.37 -3.15 -1.52
N SER A 5 0.47 -1.98 -2.09
CA SER A 5 1.06 -1.87 -3.46
C SER A 5 2.57 -2.01 -3.34
N LEU A 6 3.23 -2.43 -4.38
CA LEU A 6 4.71 -2.60 -4.32
C LEU A 6 5.43 -1.34 -4.77
N ARG A 7 4.95 -0.19 -4.36
CA ARG A 7 5.63 1.08 -4.75
C ARG A 7 5.39 2.19 -3.72
N GLY A 8 4.90 1.87 -2.52
CA GLY A 8 4.73 2.94 -1.49
C GLY A 8 3.42 2.82 -0.68
N ASP A 9 2.74 1.68 -0.66
CA ASP A 9 1.47 1.63 0.17
C ASP A 9 1.28 0.27 0.83
N CYS A 10 0.59 0.27 1.97
CA CYS A 10 0.31 -1.01 2.71
C CYS A 10 -0.59 -0.73 3.91
N TYR A 11 -1.44 0.26 3.80
CA TYR A 11 -2.37 0.59 4.92
C TYR A 11 -3.40 1.61 4.45
N CYS A 12 -4.44 1.83 5.21
CA CYS A 12 -5.48 2.81 4.80
C CYS A 12 -5.40 4.06 5.68
N CYS A 2 -6.14 1.33 0.18
CA CYS A 2 -5.96 0.60 1.46
C CYS A 2 -5.41 -0.80 1.18
N TYR A 3 -4.31 -0.90 0.47
CA TYR A 3 -3.73 -2.24 0.16
C TYR A 3 -2.21 -2.17 0.12
N CYS A 4 -1.56 -3.31 0.07
CA CYS A 4 -0.07 -3.33 0.02
C CYS A 4 0.41 -3.30 -1.42
N SER A 5 0.42 -2.14 -2.03
CA SER A 5 0.87 -2.03 -3.44
C SER A 5 2.40 -2.07 -3.52
N LEU A 6 2.95 -1.77 -4.67
CA LEU A 6 4.43 -1.81 -4.83
C LEU A 6 5.02 -0.39 -4.81
N ARG A 7 4.21 0.62 -4.94
CA ARG A 7 4.76 2.01 -4.93
C ARG A 7 5.18 2.39 -3.48
N GLY A 8 4.83 1.59 -2.50
CA GLY A 8 5.22 1.91 -1.09
C GLY A 8 3.96 2.09 -0.23
N ASP A 9 2.90 1.37 -0.51
CA ASP A 9 1.67 1.52 0.33
C ASP A 9 1.35 0.19 1.03
N CYS A 10 0.63 0.25 2.12
CA CYS A 10 0.25 -1.01 2.87
C CYS A 10 -0.74 -0.67 3.98
N TYR A 11 -1.53 0.35 3.78
CA TYR A 11 -2.54 0.74 4.80
C TYR A 11 -3.46 1.81 4.21
N CYS A 12 -4.23 2.46 5.03
CA CYS A 12 -5.13 3.53 4.52
C CYS A 12 -4.55 4.91 4.82
N CYS A 2 -6.23 1.09 0.07
CA CYS A 2 -5.92 0.58 1.43
C CYS A 2 -5.33 -0.83 1.32
N TYR A 3 -4.29 -0.98 0.55
CA TYR A 3 -3.66 -2.34 0.40
C TYR A 3 -2.15 -2.21 0.23
N CYS A 4 -1.45 -3.32 0.27
CA CYS A 4 0.03 -3.27 0.11
C CYS A 4 0.39 -3.19 -1.37
N SER A 5 0.37 -2.00 -1.91
CA SER A 5 0.70 -1.82 -3.35
C SER A 5 2.21 -1.88 -3.57
N LEU A 6 2.67 -1.56 -4.76
CA LEU A 6 4.13 -1.61 -5.06
C LEU A 6 4.79 -0.23 -4.94
N ARG A 7 4.01 0.83 -4.92
CA ARG A 7 4.62 2.19 -4.81
C ARG A 7 5.14 2.43 -3.38
N GLY A 8 4.80 1.57 -2.44
CA GLY A 8 5.29 1.75 -1.04
C GLY A 8 4.11 1.96 -0.09
N ASP A 9 3.01 1.27 -0.31
CA ASP A 9 1.83 1.44 0.59
C ASP A 9 1.48 0.11 1.27
N CYS A 10 0.66 0.16 2.28
CA CYS A 10 0.25 -1.10 3.01
C CYS A 10 -0.83 -0.78 4.05
N TYR A 11 -1.58 0.26 3.85
CA TYR A 11 -2.66 0.65 4.81
C TYR A 11 -3.49 1.75 4.18
N CYS A 12 -4.29 2.42 4.97
CA CYS A 12 -5.12 3.52 4.40
C CYS A 12 -4.41 4.87 4.60
N CYS A 2 -7.62 0.50 2.11
CA CYS A 2 -6.38 -0.23 2.53
C CYS A 2 -5.81 -1.02 1.36
N TYR A 3 -4.67 -0.62 0.87
CA TYR A 3 -4.05 -1.34 -0.28
C TYR A 3 -2.53 -1.34 -0.17
N CYS A 4 -1.92 -2.50 -0.33
CA CYS A 4 -0.45 -2.57 -0.24
C CYS A 4 0.16 -2.77 -1.63
N SER A 5 0.46 -1.70 -2.29
CA SER A 5 1.08 -1.79 -3.65
C SER A 5 2.54 -2.18 -3.51
N LEU A 6 3.29 -2.11 -4.57
CA LEU A 6 4.74 -2.48 -4.48
C LEU A 6 5.63 -1.26 -4.70
N ARG A 7 5.21 -0.11 -4.25
CA ARG A 7 6.06 1.11 -4.44
C ARG A 7 5.79 2.17 -3.35
N GLY A 8 5.16 1.81 -2.25
CA GLY A 8 4.93 2.84 -1.18
C GLY A 8 3.58 2.68 -0.48
N ASP A 9 2.74 1.74 -0.87
CA ASP A 9 1.42 1.61 -0.17
C ASP A 9 1.33 0.30 0.61
N CYS A 10 0.61 0.32 1.72
CA CYS A 10 0.44 -0.90 2.58
C CYS A 10 -0.34 -0.52 3.83
N TYR A 11 -1.33 0.31 3.68
CA TYR A 11 -2.15 0.75 4.85
C TYR A 11 -3.37 1.52 4.36
N CYS A 12 -4.03 2.21 5.24
CA CYS A 12 -5.22 3.00 4.83
C CYS A 12 -4.93 4.50 4.96
N CYS A 2 -7.05 0.79 1.95
CA CYS A 2 -6.03 -0.10 2.60
C CYS A 2 -5.51 -1.12 1.60
N TYR A 3 -4.36 -0.86 1.00
CA TYR A 3 -3.80 -1.81 0.01
C TYR A 3 -2.28 -1.85 0.06
N CYS A 4 -1.70 -2.99 -0.19
CA CYS A 4 -0.21 -3.11 -0.18
C CYS A 4 0.32 -3.10 -1.61
N SER A 5 0.45 -1.94 -2.18
CA SER A 5 0.97 -1.83 -3.58
C SER A 5 2.48 -2.02 -3.62
N LEU A 6 3.08 -1.75 -4.76
CA LEU A 6 4.56 -1.92 -4.89
C LEU A 6 5.31 -0.57 -4.85
N ARG A 7 4.60 0.53 -4.79
CA ARG A 7 5.29 1.85 -4.73
C ARG A 7 5.54 2.26 -3.26
N GLY A 8 5.00 1.51 -2.32
CA GLY A 8 5.20 1.86 -0.88
C GLY A 8 3.85 1.91 -0.16
N ASP A 9 2.76 1.57 -0.80
CA ASP A 9 1.44 1.61 -0.10
C ASP A 9 1.23 0.31 0.67
N CYS A 10 0.51 0.37 1.77
CA CYS A 10 0.24 -0.86 2.60
C CYS A 10 -0.62 -0.46 3.80
N TYR A 11 -1.51 0.47 3.60
CA TYR A 11 -2.40 0.93 4.71
C TYR A 11 -3.46 1.85 4.13
N CYS A 12 -4.23 2.50 4.97
CA CYS A 12 -5.28 3.43 4.45
C CYS A 12 -4.79 4.87 4.51
N CYS A 2 -7.45 0.45 2.23
CA CYS A 2 -6.14 -0.16 2.60
C CYS A 2 -5.59 -1.00 1.43
N TYR A 3 -4.41 -0.71 0.97
CA TYR A 3 -3.84 -1.48 -0.17
C TYR A 3 -2.32 -1.64 -0.03
N CYS A 4 -1.81 -2.80 -0.37
CA CYS A 4 -0.35 -3.04 -0.28
C CYS A 4 0.26 -3.11 -1.68
N SER A 5 0.50 -1.97 -2.28
CA SER A 5 1.09 -1.94 -3.64
C SER A 5 2.61 -2.15 -3.57
N LEU A 6 3.29 -1.92 -4.66
CA LEU A 6 4.76 -2.11 -4.68
C LEU A 6 5.51 -0.77 -4.63
N ARG A 7 4.82 0.32 -4.86
CA ARG A 7 5.49 1.66 -4.81
C ARG A 7 5.78 2.01 -3.35
N GLY A 8 4.74 2.15 -2.57
CA GLY A 8 4.91 2.48 -1.13
C GLY A 8 3.56 2.48 -0.42
N ASP A 9 2.62 1.67 -0.87
CA ASP A 9 1.28 1.63 -0.21
C ASP A 9 1.13 0.32 0.59
N CYS A 10 0.42 0.37 1.69
CA CYS A 10 0.21 -0.86 2.53
C CYS A 10 -0.57 -0.47 3.79
N TYR A 11 -1.50 0.43 3.65
CA TYR A 11 -2.30 0.89 4.81
C TYR A 11 -3.46 1.77 4.32
N CYS A 12 -4.19 2.36 5.22
CA CYS A 12 -5.32 3.23 4.79
C CYS A 12 -4.93 4.70 4.92
N CYS A 2 -5.67 1.38 -0.26
CA CYS A 2 -5.61 1.00 1.18
C CYS A 2 -5.10 -0.44 1.32
N TYR A 3 -4.07 -0.76 0.60
CA TYR A 3 -3.49 -2.14 0.68
C TYR A 3 -1.99 -2.09 0.48
N CYS A 4 -1.36 -3.24 0.37
CA CYS A 4 0.11 -3.27 0.16
C CYS A 4 0.44 -3.24 -1.32
N SER A 5 0.42 -2.06 -1.90
CA SER A 5 0.70 -1.91 -3.35
C SER A 5 2.20 -2.01 -3.63
N LEU A 6 2.62 -1.61 -4.81
CA LEU A 6 4.06 -1.70 -5.16
C LEU A 6 4.76 -0.34 -5.03
N ARG A 7 4.03 0.75 -5.00
CA ARG A 7 4.69 2.08 -4.87
C ARG A 7 5.22 2.30 -3.44
N GLY A 8 4.82 1.45 -2.52
CA GLY A 8 5.31 1.60 -1.11
C GLY A 8 4.12 1.81 -0.15
N ASP A 9 2.92 1.42 -0.55
CA ASP A 9 1.75 1.60 0.37
C ASP A 9 1.45 0.28 1.08
N CYS A 10 0.69 0.31 2.14
CA CYS A 10 0.35 -0.95 2.89
C CYS A 10 -0.69 -0.66 3.97
N TYR A 11 -1.51 0.33 3.78
CA TYR A 11 -2.55 0.67 4.78
C TYR A 11 -3.51 1.70 4.20
N CYS A 12 -4.55 2.02 4.91
CA CYS A 12 -5.53 3.03 4.40
C CYS A 12 -5.37 4.36 5.13
#